data_3VBJ
#
_entry.id   3VBJ
#
_cell.length_a   70.938
_cell.length_b   70.938
_cell.length_c   138.613
_cell.angle_alpha   90.00
_cell.angle_beta   90.00
_cell.angle_gamma   90.00
#
_symmetry.space_group_name_H-M   'P 41'
#
loop_
_entity.id
_entity.type
_entity.pdbx_description
1 polymer 'Galactoside O-acetyltransferase'
2 non-polymer 'CHLORIDE ION'
3 non-polymer "THYMIDINE-5'-DIPHOSPHATE"
4 non-polymer '3-HYDROXYBUTANOYL-COENZYME A'
5 water water
#
_entity_poly.entity_id   1
_entity_poly.type   'polypeptide(L)'
_entity_poly.pdbx_seq_one_letter_code
;MGSHHHHHHENLYFQGHMNSFYSQEELKKIGFLSVGKNVLISKKASIYNPGVISIGNNVRIDDFCILSGKVTIGSYSHIA
AYTALYGGEVGIEMYDFANISSRTIVYAAIDDFSGNALMGPTIPNQYKNVKTGKVILKKHVIIGAHSIIFPNVVIGEGVA
VGAMSMVKESLDDWYIYVGVPVRKIKARKRKIVELENEFLKSMNS
;
_entity_poly.pdbx_strand_id   A,C,E
#
# COMPACT_ATOMS: atom_id res chain seq x y z
N MET A 18 6.79 21.43 0.51
CA MET A 18 8.06 21.28 1.29
C MET A 18 8.97 20.13 0.80
N ASN A 19 9.83 19.66 1.69
CA ASN A 19 10.47 18.34 1.55
C ASN A 19 10.71 17.62 2.89
N SER A 20 10.59 16.30 2.95
CA SER A 20 10.73 15.70 4.27
C SER A 20 12.14 15.12 4.53
N PHE A 21 13.21 15.58 3.88
CA PHE A 21 14.45 14.80 3.84
C PHE A 21 15.48 15.16 4.92
N TYR A 22 16.21 14.18 5.43
CA TYR A 22 17.42 14.40 6.22
C TYR A 22 18.39 15.35 5.52
N SER A 23 19.05 16.21 6.29
CA SER A 23 20.22 16.95 5.82
C SER A 23 21.44 16.02 5.72
N GLN A 24 22.42 16.41 4.93
CA GLN A 24 23.67 15.64 4.90
C GLN A 24 24.13 15.29 6.31
N GLU A 25 23.84 16.18 7.26
CA GLU A 25 24.43 16.09 8.59
C GLU A 25 23.74 14.99 9.37
N GLU A 26 22.43 14.92 9.22
CA GLU A 26 21.68 13.90 9.95
C GLU A 26 21.96 12.56 9.27
N LEU A 27 22.25 12.54 7.98
CA LEU A 27 22.50 11.27 7.32
C LEU A 27 23.72 10.60 7.91
N LYS A 28 24.75 11.44 8.12
CA LYS A 28 26.04 10.97 8.62
C LYS A 28 25.83 10.37 10.00
N LYS A 29 24.78 10.82 10.67
CA LYS A 29 24.56 10.38 12.04
C LYS A 29 23.72 9.11 12.12
N ILE A 30 23.11 8.70 11.01
CA ILE A 30 22.30 7.47 11.03
C ILE A 30 23.14 6.22 11.27
N GLY A 31 24.38 6.24 10.81
CA GLY A 31 25.22 5.03 10.98
C GLY A 31 25.10 3.95 9.92
N PHE A 32 24.90 4.36 8.66
CA PHE A 32 24.85 3.47 7.51
C PHE A 32 26.22 2.83 7.28
N LEU A 33 26.24 1.61 6.76
CA LEU A 33 27.48 1.00 6.32
C LEU A 33 28.23 1.90 5.34
N SER A 34 27.50 2.48 4.39
CA SER A 34 28.07 3.48 3.53
C SER A 34 26.91 4.32 2.98
N VAL A 35 27.12 5.61 2.77
CA VAL A 35 26.16 6.49 2.12
C VAL A 35 26.87 7.52 1.27
N GLY A 36 26.47 7.62 0.01
CA GLY A 36 27.05 8.55 -0.95
C GLY A 36 26.64 10.01 -0.82
N LYS A 37 26.86 10.77 -1.89
CA LYS A 37 26.42 12.15 -1.95
C LYS A 37 25.08 12.25 -2.67
N ASN A 38 24.43 13.40 -2.47
CA ASN A 38 23.10 13.70 -2.98
C ASN A 38 22.18 12.51 -2.71
N VAL A 39 22.08 12.15 -1.43
CA VAL A 39 21.17 11.10 -1.02
C VAL A 39 20.08 11.83 -0.26
N LEU A 40 18.83 11.65 -0.70
CA LEU A 40 17.68 12.33 -0.10
C LEU A 40 16.84 11.17 0.45
N ILE A 41 16.87 11.03 1.78
CA ILE A 41 16.03 10.06 2.48
C ILE A 41 14.93 10.76 3.28
N SER A 42 13.67 10.40 3.04
CA SER A 42 12.61 10.90 3.90
C SER A 42 12.68 10.60 5.39
N LYS A 43 12.38 11.64 6.17
CA LYS A 43 12.29 11.49 7.62
C LYS A 43 11.13 10.61 8.04
N LYS A 44 10.17 10.42 7.14
CA LYS A 44 9.01 9.56 7.37
C LYS A 44 9.26 8.13 6.88
N ALA A 45 10.43 7.82 6.33
CA ALA A 45 10.84 6.42 6.17
C ALA A 45 11.28 5.76 7.46
N SER A 46 11.21 4.45 7.56
CA SER A 46 11.86 3.69 8.63
C SER A 46 13.11 2.95 8.18
N ILE A 47 14.18 3.08 8.97
CA ILE A 47 15.45 2.44 8.64
C ILE A 47 15.82 1.58 9.84
N TYR A 48 15.91 0.27 9.67
CA TYR A 48 16.26 -0.63 10.76
C TYR A 48 17.58 -1.28 10.35
N ASN A 49 18.51 -1.29 11.30
CA ASN A 49 19.80 -1.95 11.12
C ASN A 49 20.59 -1.18 10.08
N PRO A 50 20.75 0.13 10.30
CA PRO A 50 21.37 0.89 9.23
C PRO A 50 22.81 0.40 9.00
N GLY A 51 23.38 -0.31 9.96
CA GLY A 51 24.81 -0.67 9.84
C GLY A 51 25.07 -1.70 8.75
N VAL A 52 23.98 -2.29 8.25
CA VAL A 52 24.12 -3.17 7.07
C VAL A 52 23.43 -2.61 5.82
N ILE A 53 23.19 -1.30 5.84
CA ILE A 53 22.61 -0.61 4.70
C ILE A 53 23.62 0.30 4.04
N SER A 54 23.79 0.07 2.75
CA SER A 54 24.75 0.81 1.94
CA SER A 54 24.73 0.83 1.96
C SER A 54 23.98 1.46 0.79
N ILE A 55 24.24 2.75 0.60
CA ILE A 55 23.57 3.54 -0.41
C ILE A 55 24.64 4.31 -1.20
N GLY A 56 24.66 4.18 -2.52
CA GLY A 56 25.60 4.93 -3.36
C GLY A 56 25.27 6.40 -3.53
N ASN A 57 25.47 6.96 -4.72
CA ASN A 57 25.22 8.40 -4.93
C ASN A 57 23.91 8.72 -5.64
N ASN A 58 23.26 9.86 -5.40
CA ASN A 58 22.10 10.24 -6.22
C ASN A 58 20.97 9.22 -6.08
N VAL A 59 20.43 9.18 -4.87
CA VAL A 59 19.45 8.17 -4.43
C VAL A 59 18.40 8.98 -3.68
N ARG A 60 17.14 8.60 -3.89
CA ARG A 60 16.03 9.25 -3.19
C ARG A 60 15.11 8.15 -2.68
N ILE A 61 14.79 8.21 -1.39
CA ILE A 61 13.97 7.23 -0.69
C ILE A 61 12.83 8.05 -0.08
N ASP A 62 11.60 7.73 -0.46
CA ASP A 62 10.46 8.59 -0.08
C ASP A 62 9.66 8.23 1.16
N ASP A 63 8.61 9.00 1.46
CA ASP A 63 7.90 8.83 2.72
C ASP A 63 7.37 7.41 2.84
N PHE A 64 7.39 6.89 4.07
CA PHE A 64 6.67 5.69 4.45
C PHE A 64 7.34 4.44 3.85
N CYS A 65 8.53 4.61 3.28
CA CYS A 65 9.33 3.44 2.94
C CYS A 65 9.88 2.77 4.19
N ILE A 66 10.16 1.48 4.08
CA ILE A 66 10.85 0.76 5.15
C ILE A 66 12.04 0.07 4.49
N LEU A 67 13.23 0.39 4.98
CA LEU A 67 14.39 -0.45 4.71
C LEU A 67 14.82 -1.22 5.97
N SER A 68 14.88 -2.54 5.90
CA SER A 68 15.12 -3.34 7.09
C SER A 68 16.21 -4.36 6.80
N GLY A 69 17.27 -4.41 7.63
CA GLY A 69 18.28 -5.45 7.45
C GLY A 69 19.14 -5.17 6.25
N LYS A 70 19.79 -6.16 5.64
CA LYS A 70 20.86 -5.94 4.65
C LYS A 70 20.34 -5.47 3.30
N VAL A 71 20.59 -4.21 2.99
CA VAL A 71 20.09 -3.56 1.79
C VAL A 71 21.27 -2.79 1.19
N THR A 72 21.54 -2.99 -0.11
CA THR A 72 22.56 -2.25 -0.82
C THR A 72 21.96 -1.63 -2.07
N ILE A 73 22.04 -0.32 -2.18
CA ILE A 73 21.53 0.43 -3.32
C ILE A 73 22.76 1.11 -3.92
N GLY A 74 22.88 1.11 -5.24
CA GLY A 74 23.91 1.84 -5.99
C GLY A 74 23.61 3.32 -6.21
N SER A 75 23.82 3.82 -7.41
CA SER A 75 23.56 5.23 -7.72
C SER A 75 22.49 5.39 -8.78
N TYR A 76 21.83 6.55 -8.76
CA TYR A 76 20.83 6.99 -9.70
C TYR A 76 19.61 6.08 -9.51
N SER A 77 19.10 6.06 -8.29
CA SER A 77 18.01 5.16 -7.89
C SER A 77 16.96 5.85 -7.03
N HIS A 78 15.69 5.62 -7.38
CA HIS A 78 14.58 6.20 -6.64
C HIS A 78 13.85 5.01 -6.02
N ILE A 79 13.60 5.09 -4.72
CA ILE A 79 12.79 4.10 -4.02
C ILE A 79 11.56 4.92 -3.65
N ALA A 80 10.46 4.71 -4.37
CA ALA A 80 9.32 5.61 -4.18
C ALA A 80 8.49 5.28 -2.94
N ALA A 81 7.52 6.14 -2.65
CA ALA A 81 6.87 6.14 -1.32
C ALA A 81 6.19 4.79 -1.04
N TYR A 82 6.11 4.44 0.23
CA TYR A 82 5.49 3.21 0.74
C TYR A 82 6.22 1.91 0.38
N THR A 83 7.40 1.96 -0.23
CA THR A 83 8.07 0.72 -0.62
C THR A 83 8.87 0.09 0.52
N ALA A 84 8.77 -1.22 0.70
CA ALA A 84 9.38 -1.97 1.80
C ALA A 84 10.47 -2.85 1.19
N LEU A 85 11.70 -2.76 1.72
CA LEU A 85 12.77 -3.69 1.31
C LEU A 85 13.17 -4.48 2.54
N TYR A 86 12.73 -5.73 2.64
CA TYR A 86 13.06 -6.56 3.79
C TYR A 86 14.28 -7.43 3.49
N GLY A 87 15.48 -6.93 3.77
CA GLY A 87 16.71 -7.58 3.33
C GLY A 87 17.15 -8.73 4.21
N GLY A 88 16.72 -8.75 5.46
CA GLY A 88 17.08 -9.90 6.29
C GLY A 88 18.60 -9.99 6.48
N GLU A 89 19.09 -11.21 6.66
CA GLU A 89 20.53 -11.47 6.64
C GLU A 89 21.12 -11.62 5.24
N VAL A 90 20.37 -12.23 4.32
CA VAL A 90 20.87 -12.49 2.98
C VAL A 90 20.98 -11.28 2.07
N GLY A 91 20.08 -10.32 2.23
CA GLY A 91 20.26 -9.07 1.52
C GLY A 91 19.46 -8.90 0.24
N ILE A 92 19.22 -7.64 -0.06
CA ILE A 92 18.67 -7.22 -1.32
C ILE A 92 19.72 -6.26 -1.86
N GLU A 93 20.07 -6.43 -3.13
CA GLU A 93 21.00 -5.52 -3.78
C GLU A 93 20.36 -4.91 -5.01
N MET A 94 20.42 -3.59 -5.17
CA MET A 94 20.10 -2.95 -6.43
C MET A 94 21.34 -2.38 -7.11
N TYR A 95 21.46 -2.52 -8.43
CA TYR A 95 22.61 -2.04 -9.19
C TYR A 95 22.30 -0.65 -9.71
N ASP A 96 23.27 0.05 -10.30
CA ASP A 96 22.97 1.41 -10.73
C ASP A 96 21.79 1.59 -11.70
N PHE A 97 21.04 2.69 -11.56
CA PHE A 97 19.98 3.07 -12.48
C PHE A 97 18.76 2.15 -12.30
N ALA A 98 18.78 1.18 -11.38
CA ALA A 98 17.54 0.54 -10.96
C ALA A 98 16.60 1.44 -10.13
N ASN A 99 15.28 1.25 -10.22
CA ASN A 99 14.31 2.17 -9.57
C ASN A 99 13.11 1.31 -9.15
N ILE A 100 12.48 1.68 -8.05
CA ILE A 100 11.37 0.83 -7.60
C ILE A 100 10.18 1.79 -7.44
N SER A 101 9.03 1.53 -8.04
CA SER A 101 7.89 2.44 -7.91
C SER A 101 7.16 2.20 -6.58
N SER A 102 6.17 3.05 -6.32
CA SER A 102 5.58 3.15 -5.00
C SER A 102 4.88 1.86 -4.61
N ARG A 103 4.83 1.62 -3.32
CA ARG A 103 4.09 0.51 -2.74
C ARG A 103 4.56 -0.86 -3.17
N THR A 104 5.84 -1.01 -3.52
CA THR A 104 6.38 -2.33 -3.81
C THR A 104 6.91 -2.98 -2.52
N ILE A 105 6.88 -4.31 -2.46
CA ILE A 105 7.64 -4.99 -1.44
C ILE A 105 8.65 -5.91 -2.12
N VAL A 106 9.88 -5.86 -1.61
CA VAL A 106 10.86 -6.89 -1.95
C VAL A 106 11.21 -7.69 -0.69
N TYR A 107 11.03 -9.01 -0.70
CA TYR A 107 11.29 -9.84 0.48
C TYR A 107 12.55 -10.63 0.20
N ALA A 108 13.48 -10.69 1.16
CA ALA A 108 14.56 -11.69 1.05
C ALA A 108 14.27 -12.94 1.85
N ALA A 109 13.23 -12.94 2.68
CA ALA A 109 12.88 -14.12 3.46
C ALA A 109 11.35 -14.18 3.52
N ILE A 110 10.75 -15.35 3.33
CA ILE A 110 9.29 -15.44 3.51
C ILE A 110 8.92 -16.79 4.13
N ASP A 111 7.80 -16.83 4.86
CA ASP A 111 7.39 -18.11 5.44
C ASP A 111 6.72 -19.02 4.40
N ASP A 112 6.62 -20.29 4.76
CA ASP A 112 6.03 -21.36 3.96
C ASP A 112 4.51 -21.26 4.12
N PHE A 113 3.75 -21.08 3.03
CA PHE A 113 2.29 -20.94 3.10
C PHE A 113 1.56 -22.26 2.97
N SER A 114 2.30 -23.33 2.71
CA SER A 114 1.74 -24.63 2.32
C SER A 114 0.90 -25.30 3.40
N GLY A 115 1.21 -25.03 4.66
CA GLY A 115 0.54 -25.74 5.75
C GLY A 115 1.50 -26.72 6.40
N ASN A 116 2.72 -26.79 5.86
CA ASN A 116 3.76 -27.63 6.46
C ASN A 116 4.57 -26.96 7.56
N ALA A 117 4.34 -25.68 7.84
CA ALA A 117 5.12 -25.06 8.90
C ALA A 117 4.29 -24.03 9.63
N LEU A 118 4.63 -23.71 10.89
CA LEU A 118 4.22 -22.45 11.50
C LEU A 118 4.90 -21.24 10.86
N MET A 119 4.45 -20.04 11.21
CA MET A 119 4.68 -18.82 10.42
CA MET A 119 4.79 -18.85 10.42
C MET A 119 4.97 -17.57 11.24
N GLY A 120 5.94 -16.75 10.84
CA GLY A 120 5.97 -15.36 11.28
C GLY A 120 6.93 -15.10 12.44
N PRO A 121 7.15 -13.84 12.82
CA PRO A 121 8.10 -13.48 13.86
C PRO A 121 7.68 -13.87 15.30
N THR A 122 6.47 -14.37 15.50
CA THR A 122 6.06 -14.76 16.84
C THR A 122 6.39 -16.22 17.15
N ILE A 123 6.86 -16.96 16.17
CA ILE A 123 7.07 -18.40 16.32
C ILE A 123 8.57 -18.68 16.18
N PRO A 124 9.11 -19.51 17.08
CA PRO A 124 10.51 -19.93 16.96
C PRO A 124 10.88 -20.59 15.63
N ASN A 125 12.08 -20.29 15.15
CA ASN A 125 12.65 -20.89 13.95
C ASN A 125 12.45 -22.38 13.71
N GLN A 126 12.53 -23.20 14.76
CA GLN A 126 12.56 -24.65 14.54
CA GLN A 126 12.54 -24.65 14.57
C GLN A 126 11.22 -25.17 13.98
N TYR A 127 10.18 -24.33 14.09
CA TYR A 127 8.82 -24.70 13.68
C TYR A 127 8.43 -24.13 12.31
N LYS A 128 9.31 -23.32 11.74
CA LYS A 128 8.96 -22.54 10.55
C LYS A 128 9.73 -23.15 9.40
N ASN A 129 9.44 -22.76 8.17
CA ASN A 129 10.17 -23.26 7.02
C ASN A 129 10.41 -22.08 6.09
N VAL A 130 11.37 -21.23 6.48
CA VAL A 130 11.61 -19.98 5.80
C VAL A 130 12.34 -20.10 4.47
N LYS A 131 11.73 -19.53 3.44
CA LYS A 131 12.40 -19.46 2.13
C LYS A 131 13.20 -18.17 2.10
N THR A 132 14.52 -18.30 1.93
CA THR A 132 15.34 -17.11 1.90
C THR A 132 16.42 -17.22 0.81
N GLY A 133 16.85 -16.11 0.23
CA GLY A 133 17.95 -16.13 -0.74
C GLY A 133 18.15 -14.67 -1.14
N LYS A 134 19.37 -14.25 -1.47
CA LYS A 134 19.65 -12.88 -1.88
C LYS A 134 18.74 -12.44 -3.04
N VAL A 135 18.19 -11.22 -2.99
CA VAL A 135 17.49 -10.75 -4.19
C VAL A 135 18.35 -9.69 -4.88
N ILE A 136 18.53 -9.76 -6.21
CA ILE A 136 19.26 -8.71 -6.91
C ILE A 136 18.42 -8.07 -8.02
N LEU A 137 18.42 -6.73 -8.07
CA LEU A 137 17.83 -6.02 -9.18
C LEU A 137 19.04 -5.48 -9.94
N LYS A 138 19.16 -5.96 -11.18
CA LYS A 138 20.31 -5.63 -12.00
C LYS A 138 20.24 -4.21 -12.54
N LYS A 139 21.29 -3.77 -13.27
CA LYS A 139 21.16 -2.43 -13.84
C LYS A 139 19.91 -2.15 -14.70
N HIS A 140 19.40 -0.92 -14.60
CA HIS A 140 18.28 -0.46 -15.40
C HIS A 140 16.96 -1.19 -15.14
N VAL A 141 16.90 -1.97 -14.06
CA VAL A 141 15.60 -2.54 -13.64
C VAL A 141 14.63 -1.46 -13.23
N ILE A 142 13.37 -1.60 -13.67
CA ILE A 142 12.30 -0.77 -13.10
C ILE A 142 11.20 -1.72 -12.60
N ILE A 143 10.77 -1.48 -11.36
CA ILE A 143 9.71 -2.30 -10.79
C ILE A 143 8.51 -1.36 -10.77
N GLY A 144 7.40 -1.79 -11.37
CA GLY A 144 6.21 -0.95 -11.39
C GLY A 144 5.55 -0.92 -10.02
N ALA A 145 4.62 0.03 -9.89
CA ALA A 145 3.93 0.27 -8.62
C ALA A 145 3.11 -0.92 -8.13
N HIS A 146 3.03 -1.10 -6.81
CA HIS A 146 2.10 -2.04 -6.15
C HIS A 146 2.52 -3.48 -6.51
N SER A 147 3.81 -3.74 -6.67
CA SER A 147 4.34 -5.05 -7.04
C SER A 147 5.05 -5.78 -5.91
N ILE A 148 5.22 -7.10 -6.05
CA ILE A 148 5.89 -7.81 -4.97
C ILE A 148 6.95 -8.72 -5.59
N ILE A 149 8.16 -8.71 -5.00
CA ILE A 149 9.29 -9.52 -5.45
CA ILE A 149 9.24 -9.57 -5.46
C ILE A 149 9.63 -10.49 -4.31
N PHE A 150 9.59 -11.78 -4.58
CA PHE A 150 9.81 -12.78 -3.53
C PHE A 150 11.28 -13.17 -3.45
N PRO A 151 11.72 -13.97 -2.47
CA PRO A 151 13.16 -14.16 -2.27
C PRO A 151 13.89 -14.96 -3.37
N ASN A 152 15.21 -14.81 -3.39
CA ASN A 152 16.12 -15.72 -4.09
C ASN A 152 15.93 -15.61 -5.60
N VAL A 153 15.88 -14.36 -6.06
CA VAL A 153 15.57 -14.06 -7.45
C VAL A 153 16.52 -12.97 -7.91
N VAL A 154 16.87 -13.07 -9.18
CA VAL A 154 17.56 -11.98 -9.88
C VAL A 154 16.57 -11.40 -10.90
N ILE A 155 16.27 -10.12 -10.75
CA ILE A 155 15.50 -9.38 -11.73
C ILE A 155 16.55 -8.96 -12.76
N GLY A 156 16.45 -9.54 -13.94
CA GLY A 156 17.56 -9.32 -14.88
C GLY A 156 17.84 -7.93 -15.38
N GLU A 157 19.03 -7.75 -15.95
CA GLU A 157 19.40 -6.44 -16.46
C GLU A 157 18.35 -5.85 -17.43
N GLY A 158 17.98 -4.59 -17.24
CA GLY A 158 16.99 -3.88 -18.07
C GLY A 158 15.59 -4.46 -18.04
N VAL A 159 15.28 -5.35 -17.11
CA VAL A 159 13.91 -5.85 -16.99
C VAL A 159 12.99 -4.73 -16.48
N ALA A 160 11.77 -4.68 -17.02
CA ALA A 160 10.71 -3.86 -16.45
C ALA A 160 9.63 -4.81 -15.96
N VAL A 161 9.16 -4.61 -14.72
CA VAL A 161 8.06 -5.44 -14.24
C VAL A 161 6.86 -4.47 -14.20
N GLY A 162 5.67 -4.83 -14.66
CA GLY A 162 4.56 -3.85 -14.71
C GLY A 162 3.98 -3.63 -13.33
N ALA A 163 3.02 -2.69 -13.25
CA ALA A 163 2.39 -2.46 -11.97
C ALA A 163 1.60 -3.72 -11.59
N MET A 164 1.42 -3.86 -10.28
CA MET A 164 0.57 -4.89 -9.67
C MET A 164 0.97 -6.27 -10.12
N SER A 165 2.28 -6.47 -10.14
CA SER A 165 2.76 -7.78 -10.55
CA SER A 165 2.81 -7.74 -10.59
C SER A 165 3.51 -8.49 -9.44
N MET A 166 3.72 -9.79 -9.64
CA MET A 166 4.25 -10.63 -8.56
C MET A 166 5.30 -11.53 -9.19
N VAL A 167 6.51 -11.45 -8.62
CA VAL A 167 7.63 -12.23 -9.14
C VAL A 167 8.13 -13.23 -8.12
N LYS A 168 8.16 -14.48 -8.56
CA LYS A 168 8.61 -15.58 -7.70
C LYS A 168 9.84 -16.30 -8.26
N GLU A 169 10.28 -15.92 -9.46
CA GLU A 169 11.42 -16.61 -10.13
C GLU A 169 12.32 -15.55 -10.70
N SER A 170 13.58 -15.89 -10.96
CA SER A 170 14.46 -14.99 -11.70
C SER A 170 13.90 -14.67 -13.09
N LEU A 171 14.11 -13.44 -13.52
CA LEU A 171 13.55 -12.93 -14.77
C LEU A 171 14.68 -12.69 -15.77
N ASP A 172 14.50 -13.24 -16.98
CA ASP A 172 15.49 -13.06 -18.06
C ASP A 172 15.72 -11.60 -18.45
N ASP A 173 16.95 -11.22 -18.76
CA ASP A 173 17.28 -9.84 -19.11
C ASP A 173 16.44 -9.19 -20.22
N TRP A 174 16.21 -7.89 -20.13
CA TRP A 174 15.75 -7.06 -21.26
C TRP A 174 14.37 -7.50 -21.74
N TYR A 175 13.53 -7.96 -20.82
CA TYR A 175 12.12 -8.11 -21.15
C TYR A 175 11.20 -7.34 -20.19
N ILE A 176 9.96 -7.15 -20.64
CA ILE A 176 8.93 -6.49 -19.82
C ILE A 176 8.00 -7.63 -19.45
N TYR A 177 7.64 -7.69 -18.16
CA TYR A 177 6.80 -8.77 -17.67
C TYR A 177 5.61 -8.14 -16.95
N VAL A 178 4.51 -8.89 -16.88
CA VAL A 178 3.30 -8.39 -16.22
C VAL A 178 2.51 -9.51 -15.58
N GLY A 179 1.75 -9.18 -14.54
CA GLY A 179 0.75 -10.11 -14.05
C GLY A 179 1.12 -10.80 -12.75
N VAL A 180 0.19 -11.65 -12.29
CA VAL A 180 0.33 -12.35 -11.03
C VAL A 180 0.13 -13.85 -11.23
N PRO A 181 1.24 -14.61 -11.21
CA PRO A 181 2.62 -14.18 -11.27
C PRO A 181 3.00 -13.70 -12.67
N VAL A 182 4.19 -13.12 -12.86
CA VAL A 182 4.42 -12.40 -14.12
C VAL A 182 4.60 -13.35 -15.32
N ARG A 183 4.27 -12.87 -16.51
CA ARG A 183 4.71 -13.51 -17.74
CA ARG A 183 4.59 -13.48 -17.79
C ARG A 183 5.32 -12.44 -18.63
N LYS A 184 6.14 -12.90 -19.57
CA LYS A 184 6.88 -12.04 -20.48
C LYS A 184 5.89 -11.51 -21.52
N ILE A 185 5.92 -10.21 -21.83
CA ILE A 185 5.00 -9.72 -22.86
C ILE A 185 5.69 -9.11 -24.06
N LYS A 186 6.87 -8.52 -23.88
CA LYS A 186 7.63 -7.97 -25.01
C LYS A 186 9.04 -7.62 -24.58
N ALA A 187 9.96 -7.42 -25.53
CA ALA A 187 11.29 -6.96 -25.17
C ALA A 187 11.28 -5.54 -24.60
N ARG A 188 12.23 -5.32 -23.71
CA ARG A 188 12.60 -3.98 -23.27
C ARG A 188 13.57 -3.39 -24.30
N LYS A 189 13.27 -2.20 -24.78
CA LYS A 189 14.21 -1.50 -25.67
C LYS A 189 15.51 -1.18 -24.94
N ARG A 190 16.60 -1.21 -25.69
CA ARG A 190 17.89 -0.99 -25.04
C ARG A 190 18.45 0.39 -25.28
N LYS A 191 17.63 1.31 -25.77
CA LYS A 191 18.12 2.68 -25.95
C LYS A 191 18.64 3.28 -24.64
N ILE A 192 18.15 2.83 -23.50
CA ILE A 192 18.56 3.38 -22.20
C ILE A 192 20.05 3.22 -21.91
N VAL A 193 20.64 2.21 -22.55
CA VAL A 193 22.08 1.94 -22.43
C VAL A 193 22.90 3.09 -23.07
N GLU A 194 22.55 3.48 -24.30
CA GLU A 194 23.08 4.69 -24.96
C GLU A 194 22.87 5.92 -24.10
N LEU A 195 21.65 6.06 -23.61
CA LEU A 195 21.31 7.23 -22.80
C LEU A 195 22.20 7.26 -21.56
N GLU A 196 22.46 6.09 -20.98
CA GLU A 196 23.28 6.02 -19.78
C GLU A 196 24.68 6.57 -20.11
N ASN A 197 25.29 6.07 -21.18
CA ASN A 197 26.63 6.48 -21.62
C ASN A 197 26.63 7.98 -21.92
N GLU A 198 25.70 8.43 -22.74
CA GLU A 198 25.57 9.87 -23.04
C GLU A 198 25.53 10.71 -21.76
N PHE A 199 24.66 10.34 -20.83
CA PHE A 199 24.48 11.02 -19.55
C PHE A 199 25.71 11.06 -18.76
N LEU A 200 26.38 9.94 -18.60
CA LEU A 200 27.49 9.88 -17.70
C LEU A 200 28.64 10.71 -18.26
N LYS A 201 28.73 10.78 -19.58
CA LYS A 201 29.77 11.53 -20.27
C LYS A 201 29.61 12.98 -19.93
N SER A 202 28.42 13.49 -20.15
CA SER A 202 28.08 14.83 -19.79
C SER A 202 28.45 15.14 -18.38
N MET A 203 28.48 14.13 -17.55
CA MET A 203 28.69 14.29 -16.13
C MET A 203 30.18 14.50 -16.00
N MET B 18 -10.01 7.91 19.20
CA MET B 18 -9.22 9.08 18.92
C MET B 18 -9.34 9.54 17.47
N ASN B 19 -8.60 10.59 17.15
CA ASN B 19 -8.42 10.98 15.77
C ASN B 19 -7.13 11.78 15.51
N SER B 20 -6.66 11.77 14.29
CA SER B 20 -5.39 12.37 14.03
C SER B 20 -5.44 13.70 13.30
N PHE B 21 -6.56 14.38 13.33
CA PHE B 21 -6.77 15.48 12.42
C PHE B 21 -6.24 16.83 12.86
N TYR B 22 -5.79 17.64 11.93
CA TYR B 22 -5.37 19.01 12.23
C TYR B 22 -6.58 19.78 12.74
N SER B 23 -6.36 20.68 13.70
CA SER B 23 -7.40 21.61 14.15
C SER B 23 -7.61 22.64 13.04
N GLN B 24 -8.62 23.51 13.22
CA GLN B 24 -8.76 24.63 12.30
C GLN B 24 -7.60 25.62 12.39
N GLU B 25 -7.04 25.73 13.59
CA GLU B 25 -5.88 26.57 13.84
C GLU B 25 -4.72 26.00 13.04
N GLU B 26 -4.46 24.70 13.19
CA GLU B 26 -3.30 24.13 12.52
C GLU B 26 -3.47 24.24 11.00
N LEU B 27 -4.70 24.07 10.53
CA LEU B 27 -4.96 24.07 9.09
C LEU B 27 -4.60 25.37 8.41
N LYS B 28 -4.96 26.49 9.03
CA LYS B 28 -4.77 27.80 8.41
C LYS B 28 -3.27 28.11 8.36
N LYS B 29 -2.50 27.49 9.26
CA LYS B 29 -1.06 27.56 9.23
C LYS B 29 -0.42 26.72 8.12
N ILE B 30 -1.18 25.88 7.44
CA ILE B 30 -0.55 25.08 6.39
C ILE B 30 -0.35 25.91 5.13
N GLY B 31 -1.30 26.77 4.79
CA GLY B 31 -1.04 27.63 3.63
C GLY B 31 -1.56 27.05 2.33
N PHE B 32 -2.71 26.39 2.39
CA PHE B 32 -3.35 25.89 1.17
C PHE B 32 -3.72 27.06 0.30
N LEU B 33 -3.63 26.91 -1.02
CA LEU B 33 -4.13 27.93 -1.93
C LEU B 33 -5.57 28.23 -1.52
N SER B 34 -6.26 27.23 -0.99
CA SER B 34 -7.64 27.43 -0.59
C SER B 34 -8.10 26.20 0.17
N VAL B 35 -8.95 26.42 1.17
CA VAL B 35 -9.42 25.35 2.03
C VAL B 35 -10.75 25.74 2.70
N GLY B 36 -11.70 24.82 2.75
CA GLY B 36 -13.10 25.18 3.04
C GLY B 36 -13.40 24.76 4.46
N LYS B 37 -14.67 24.53 4.76
CA LYS B 37 -15.10 24.29 6.13
C LYS B 37 -15.24 22.78 6.34
N ASN B 38 -15.08 22.36 7.59
CA ASN B 38 -15.21 20.95 7.93
C ASN B 38 -14.26 20.11 7.06
N VAL B 39 -13.00 20.53 7.05
CA VAL B 39 -11.96 19.75 6.37
C VAL B 39 -11.20 18.99 7.44
N LEU B 40 -11.14 17.67 7.35
CA LEU B 40 -10.48 16.89 8.39
C LEU B 40 -9.26 16.27 7.69
N ILE B 41 -8.05 16.61 8.13
CA ILE B 41 -6.81 16.23 7.42
C ILE B 41 -5.88 15.65 8.46
N SER B 42 -5.55 14.37 8.31
CA SER B 42 -4.68 13.68 9.24
C SER B 42 -3.31 14.36 9.32
N LYS B 43 -2.83 14.50 10.55
CA LYS B 43 -1.50 15.02 10.87
C LYS B 43 -0.45 14.04 10.35
N LYS B 44 -0.89 12.81 10.04
CA LYS B 44 -0.01 11.76 9.51
C LYS B 44 -0.01 11.60 7.98
N ALA B 45 -0.74 12.47 7.27
CA ALA B 45 -0.63 12.61 5.84
C ALA B 45 0.59 13.47 5.57
N SER B 46 1.10 13.40 4.35
CA SER B 46 2.10 14.35 3.92
C SER B 46 1.50 15.31 2.92
N ILE B 47 1.74 16.59 3.14
CA ILE B 47 1.19 17.60 2.22
C ILE B 47 2.38 18.39 1.68
N TYR B 48 2.66 18.19 0.39
CA TYR B 48 3.80 18.85 -0.22
C TYR B 48 3.22 19.92 -1.12
N ASN B 49 3.82 21.11 -1.02
CA ASN B 49 3.43 22.26 -1.82
C ASN B 49 1.96 22.65 -1.64
N PRO B 50 1.51 22.91 -0.40
CA PRO B 50 0.12 23.26 -0.14
C PRO B 50 -0.28 24.52 -0.90
N GLY B 51 0.72 25.27 -1.38
CA GLY B 51 0.45 26.50 -2.11
C GLY B 51 -0.31 26.27 -3.40
N VAL B 52 -0.26 25.06 -3.91
CA VAL B 52 -0.95 24.76 -5.17
C VAL B 52 -2.14 23.81 -4.97
N ILE B 53 -2.53 23.62 -3.70
CA ILE B 53 -3.54 22.65 -3.32
C ILE B 53 -4.77 23.40 -2.79
N SER B 54 -5.89 23.12 -3.44
CA SER B 54 -7.21 23.71 -3.20
CA SER B 54 -7.20 23.71 -3.20
C SER B 54 -8.20 22.64 -2.77
N ILE B 55 -8.91 22.86 -1.67
CA ILE B 55 -9.80 21.88 -1.09
C ILE B 55 -11.10 22.56 -0.68
N GLY B 56 -12.22 21.92 -0.98
CA GLY B 56 -13.53 22.53 -0.78
C GLY B 56 -14.06 22.26 0.61
N ASN B 57 -15.37 22.09 0.76
CA ASN B 57 -15.98 21.79 2.06
C ASN B 57 -16.27 20.31 2.26
N ASN B 58 -16.30 19.86 3.51
CA ASN B 58 -16.64 18.49 3.88
C ASN B 58 -15.73 17.52 3.11
N VAL B 59 -14.45 17.54 3.49
CA VAL B 59 -13.41 16.72 2.88
C VAL B 59 -12.65 16.04 4.02
N ARG B 60 -12.34 14.77 3.86
CA ARG B 60 -11.59 14.08 4.90
C ARG B 60 -10.42 13.38 4.21
N ILE B 61 -9.19 13.58 4.70
CA ILE B 61 -7.97 12.95 4.17
C ILE B 61 -7.28 12.22 5.29
N ASP B 62 -7.08 10.91 5.11
CA ASP B 62 -6.73 10.05 6.22
C ASP B 62 -5.23 9.80 6.40
N ASP B 63 -4.89 8.98 7.39
CA ASP B 63 -3.48 8.71 7.71
C ASP B 63 -2.72 8.22 6.46
N PHE B 64 -1.47 8.68 6.36
CA PHE B 64 -0.50 8.15 5.39
C PHE B 64 -0.79 8.51 3.92
N CYS B 65 -1.80 9.34 3.67
CA CYS B 65 -1.99 9.97 2.37
C CYS B 65 -0.79 10.83 2.02
N ILE B 66 -0.56 10.99 0.74
CA ILE B 66 0.41 11.97 0.27
C ILE B 66 -0.32 12.78 -0.77
N LEU B 67 -0.27 14.11 -0.62
CA LEU B 67 -0.79 14.99 -1.64
C LEU B 67 0.44 15.78 -2.07
N SER B 68 0.73 15.77 -3.36
CA SER B 68 1.92 16.47 -3.85
C SER B 68 1.64 17.24 -5.13
N GLY B 69 2.17 18.46 -5.29
CA GLY B 69 1.94 19.18 -6.54
C GLY B 69 0.51 19.69 -6.59
N LYS B 70 0.05 19.98 -7.81
CA LYS B 70 -1.24 20.64 -8.02
C LYS B 70 -2.40 19.64 -7.85
N VAL B 71 -3.20 19.85 -6.80
CA VAL B 71 -4.32 18.95 -6.54
C VAL B 71 -5.49 19.88 -6.19
N THR B 72 -6.65 19.65 -6.78
CA THR B 72 -7.88 20.40 -6.51
C THR B 72 -8.96 19.39 -6.11
N ILE B 73 -9.49 19.51 -4.90
CA ILE B 73 -10.54 18.62 -4.43
C ILE B 73 -11.77 19.52 -4.21
N GLY B 74 -12.96 19.06 -4.60
CA GLY B 74 -14.20 19.79 -4.37
C GLY B 74 -14.77 19.51 -3.01
N SER B 75 -16.08 19.22 -2.93
CA SER B 75 -16.71 19.05 -1.63
C SER B 75 -17.36 17.68 -1.57
N TYR B 76 -17.56 17.20 -0.34
CA TYR B 76 -18.07 15.88 0.01
C TYR B 76 -17.18 14.72 -0.50
N SER B 77 -15.90 14.67 -0.09
CA SER B 77 -14.95 13.75 -0.74
C SER B 77 -14.11 13.21 0.38
N HIS B 78 -13.96 11.88 0.37
CA HIS B 78 -13.10 11.16 1.29
C HIS B 78 -11.88 10.64 0.51
N ILE B 79 -10.68 10.98 0.97
CA ILE B 79 -9.43 10.38 0.43
C ILE B 79 -8.96 9.43 1.51
N ALA B 80 -9.20 8.12 1.40
CA ALA B 80 -8.93 7.14 2.46
C ALA B 80 -7.42 6.88 2.62
N ALA B 81 -7.03 6.27 3.74
CA ALA B 81 -5.65 6.14 4.19
C ALA B 81 -4.73 5.58 3.10
N TYR B 82 -3.47 6.02 3.11
CA TYR B 82 -2.44 5.50 2.18
C TYR B 82 -2.52 5.97 0.72
N THR B 83 -3.49 6.79 0.40
CA THR B 83 -3.71 7.22 -0.97
C THR B 83 -2.70 8.34 -1.29
N ALA B 84 -2.10 8.22 -2.46
CA ALA B 84 -1.12 9.20 -2.90
C ALA B 84 -1.71 9.88 -4.10
N LEU B 85 -1.78 11.21 -4.07
CA LEU B 85 -2.14 11.98 -5.26
C LEU B 85 -0.92 12.78 -5.74
N TYR B 86 -0.26 12.39 -6.83
CA TYR B 86 0.86 13.14 -7.37
C TYR B 86 0.42 14.02 -8.52
N GLY B 87 0.06 15.28 -8.22
CA GLY B 87 -0.48 16.14 -9.25
C GLY B 87 0.56 16.81 -10.14
N GLY B 88 1.84 16.76 -9.75
CA GLY B 88 2.89 17.39 -10.57
C GLY B 88 2.54 18.83 -10.94
N GLU B 89 2.80 19.21 -12.18
CA GLU B 89 2.47 20.56 -12.64
C GLU B 89 1.08 20.60 -13.25
N VAL B 90 0.69 19.55 -13.96
CA VAL B 90 -0.58 19.62 -14.68
C VAL B 90 -1.76 19.52 -13.73
N GLY B 91 -1.61 18.71 -12.69
CA GLY B 91 -2.63 18.69 -11.65
C GLY B 91 -3.54 17.49 -11.74
N ILE B 92 -4.13 17.19 -10.58
CA ILE B 92 -5.24 16.27 -10.39
C ILE B 92 -6.43 17.08 -9.90
N GLU B 93 -7.61 16.82 -10.46
CA GLU B 93 -8.81 17.53 -10.02
C GLU B 93 -9.91 16.53 -9.68
N MET B 94 -10.51 16.61 -8.50
CA MET B 94 -11.70 15.82 -8.20
C MET B 94 -12.90 16.76 -8.09
N TYR B 95 -14.01 16.42 -8.75
CA TYR B 95 -15.23 17.23 -8.65
C TYR B 95 -16.07 16.76 -7.46
N ASP B 96 -17.22 17.37 -7.18
CA ASP B 96 -17.85 17.13 -5.89
C ASP B 96 -18.42 15.70 -5.84
N PHE B 97 -18.56 15.12 -4.66
CA PHE B 97 -19.02 13.75 -4.46
C PHE B 97 -18.10 12.65 -5.03
N ALA B 98 -16.93 13.02 -5.52
CA ALA B 98 -15.89 11.99 -5.78
C ALA B 98 -15.17 11.51 -4.50
N ASN B 99 -14.77 10.24 -4.45
CA ASN B 99 -14.18 9.61 -3.30
C ASN B 99 -13.13 8.62 -3.73
N ILE B 100 -12.09 8.46 -2.92
CA ILE B 100 -11.02 7.56 -3.35
C ILE B 100 -10.69 6.64 -2.20
N SER B 101 -10.81 5.33 -2.41
CA SER B 101 -10.62 4.38 -1.32
C SER B 101 -9.16 4.10 -0.99
N SER B 102 -8.90 3.36 0.08
CA SER B 102 -7.52 3.25 0.58
C SER B 102 -6.46 2.75 -0.39
N ARG B 103 -5.26 3.33 -0.28
CA ARG B 103 -4.11 2.74 -0.99
C ARG B 103 -4.19 2.91 -2.52
N THR B 104 -4.84 3.97 -3.00
CA THR B 104 -4.86 4.26 -4.42
C THR B 104 -3.72 5.20 -4.75
N ILE B 105 -3.21 5.13 -5.97
CA ILE B 105 -2.24 6.13 -6.45
C ILE B 105 -2.85 6.77 -7.67
N VAL B 106 -2.82 8.10 -7.72
CA VAL B 106 -3.15 8.80 -8.95
C VAL B 106 -1.90 9.55 -9.37
N TYR B 107 -1.47 9.26 -10.58
CA TYR B 107 -0.26 9.91 -11.09
C TYR B 107 -0.67 10.87 -12.21
N ALA B 108 -0.28 12.13 -12.11
CA ALA B 108 -0.38 13.06 -13.24
C ALA B 108 0.90 13.07 -14.07
N ALA B 109 1.99 12.45 -13.61
CA ALA B 109 3.10 12.25 -14.54
C ALA B 109 3.74 10.89 -14.28
N ILE B 110 4.22 10.20 -15.30
CA ILE B 110 4.90 8.92 -15.07
C ILE B 110 5.99 8.78 -16.13
N ASP B 111 7.02 8.02 -15.79
CA ASP B 111 8.10 7.68 -16.70
C ASP B 111 7.74 6.66 -17.76
N ASP B 112 8.56 6.66 -18.80
CA ASP B 112 8.39 5.70 -19.89
C ASP B 112 9.02 4.35 -19.51
N PHE B 113 8.24 3.27 -19.44
CA PHE B 113 8.78 1.96 -19.05
C PHE B 113 9.40 1.21 -20.24
N SER B 114 9.37 1.77 -21.45
CA SER B 114 9.66 0.97 -22.65
C SER B 114 11.11 0.59 -22.82
N GLY B 115 12.02 1.33 -22.20
CA GLY B 115 13.47 1.20 -22.37
C GLY B 115 13.96 2.25 -23.35
N ASN B 116 13.08 3.19 -23.72
CA ASN B 116 13.45 4.27 -24.62
C ASN B 116 13.95 5.51 -23.89
N ALA B 117 14.01 5.49 -22.55
CA ALA B 117 14.28 6.71 -21.78
C ALA B 117 14.80 6.24 -20.43
N LEU B 118 15.74 7.00 -19.88
CA LEU B 118 16.04 6.91 -18.45
C LEU B 118 14.84 7.32 -17.61
N MET B 119 14.91 7.15 -16.30
CA MET B 119 13.72 7.19 -15.47
CA MET B 119 13.72 7.12 -15.44
C MET B 119 13.95 7.81 -14.09
N GLY B 120 12.97 8.61 -13.65
CA GLY B 120 12.85 8.94 -12.24
C GLY B 120 13.51 10.25 -11.82
N PRO B 121 13.39 10.62 -10.55
CA PRO B 121 13.78 11.96 -10.10
C PRO B 121 15.29 12.11 -9.99
N THR B 122 16.07 11.05 -10.04
CA THR B 122 17.52 11.20 -9.96
C THR B 122 18.11 11.59 -11.33
N ILE B 123 17.31 11.75 -12.37
CA ILE B 123 17.84 11.84 -13.73
C ILE B 123 17.31 13.11 -14.38
N PRO B 124 18.16 13.94 -14.99
CA PRO B 124 17.64 15.15 -15.63
C PRO B 124 16.64 14.89 -16.75
N ASN B 125 15.72 15.83 -16.97
CA ASN B 125 14.64 15.67 -17.93
C ASN B 125 14.99 15.33 -19.37
N GLN B 126 16.09 15.88 -19.85
CA GLN B 126 16.44 15.68 -21.25
C GLN B 126 16.70 14.22 -21.56
N TYR B 127 16.95 13.40 -20.55
CA TYR B 127 17.14 11.97 -20.80
C TYR B 127 15.89 11.10 -20.56
N LYS B 128 14.79 11.72 -20.17
CA LYS B 128 13.60 10.95 -19.78
C LYS B 128 12.55 11.16 -20.86
N ASN B 129 11.45 10.41 -20.76
CA ASN B 129 10.32 10.66 -21.62
C ASN B 129 9.04 10.60 -20.79
N VAL B 130 8.83 11.64 -19.98
CA VAL B 130 7.71 11.68 -19.04
C VAL B 130 6.38 11.88 -19.75
N LYS B 131 5.36 11.11 -19.38
CA LYS B 131 4.04 11.34 -19.95
C LYS B 131 3.33 12.09 -18.84
N THR B 132 2.72 13.23 -19.17
CA THR B 132 2.01 13.97 -18.15
C THR B 132 0.77 14.58 -18.78
N GLY B 133 -0.28 14.75 -17.98
CA GLY B 133 -1.57 15.24 -18.46
C GLY B 133 -2.45 15.29 -17.23
N LYS B 134 -3.29 16.30 -17.15
CA LYS B 134 -4.28 16.45 -16.09
C LYS B 134 -5.11 15.17 -15.92
N VAL B 135 -5.35 14.80 -14.68
CA VAL B 135 -6.22 13.68 -14.34
C VAL B 135 -7.45 14.33 -13.69
N ILE B 136 -8.63 13.97 -14.20
CA ILE B 136 -9.89 14.53 -13.70
C ILE B 136 -10.77 13.38 -13.20
N LEU B 137 -11.26 13.49 -11.98
CA LEU B 137 -12.29 12.57 -11.53
C LEU B 137 -13.61 13.36 -11.47
N LYS B 138 -14.58 13.03 -12.33
CA LYS B 138 -15.85 13.77 -12.32
C LYS B 138 -16.74 13.50 -11.14
N LYS B 139 -17.94 14.09 -11.09
CA LYS B 139 -18.74 14.04 -9.90
C LYS B 139 -19.11 12.57 -9.77
N HIS B 140 -19.28 12.15 -8.52
CA HIS B 140 -19.77 10.80 -8.18
C HIS B 140 -18.85 9.61 -8.51
N VAL B 141 -17.65 9.89 -8.99
CA VAL B 141 -16.63 8.85 -9.21
C VAL B 141 -16.29 8.21 -7.86
N ILE B 142 -16.11 6.88 -7.86
CA ILE B 142 -15.58 6.21 -6.69
C ILE B 142 -14.46 5.34 -7.28
N ILE B 143 -13.28 5.48 -6.71
CA ILE B 143 -12.17 4.57 -6.98
C ILE B 143 -12.05 3.54 -5.87
N GLY B 144 -12.04 2.26 -6.23
CA GLY B 144 -11.96 1.22 -5.20
C GLY B 144 -10.55 1.07 -4.64
N ALA B 145 -10.38 0.27 -3.59
CA ALA B 145 -9.13 0.30 -2.85
C ALA B 145 -8.00 -0.31 -3.70
N HIS B 146 -6.77 0.12 -3.45
CA HIS B 146 -5.56 -0.51 -4.02
C HIS B 146 -5.53 -0.33 -5.55
N SER B 147 -6.06 0.77 -6.08
CA SER B 147 -6.05 0.97 -7.53
C SER B 147 -5.03 2.00 -8.00
N ILE B 148 -4.81 2.09 -9.31
CA ILE B 148 -3.82 3.04 -9.81
C ILE B 148 -4.48 3.73 -11.00
N ILE B 149 -4.37 5.06 -11.03
CA ILE B 149 -4.80 5.80 -12.20
C ILE B 149 -3.62 6.57 -12.80
N PHE B 150 -3.46 6.47 -14.12
CA PHE B 150 -2.33 7.03 -14.86
CA PHE B 150 -2.31 7.06 -14.77
C PHE B 150 -2.61 8.44 -15.40
N PRO B 151 -1.59 9.08 -15.99
CA PRO B 151 -1.84 10.46 -16.46
C PRO B 151 -2.81 10.65 -17.62
N ASN B 152 -3.38 11.85 -17.69
CA ASN B 152 -4.09 12.24 -18.89
C ASN B 152 -5.41 11.48 -19.00
N VAL B 153 -5.95 11.10 -17.86
CA VAL B 153 -7.16 10.27 -17.72
C VAL B 153 -8.29 11.13 -17.18
N VAL B 154 -9.42 11.08 -17.88
CA VAL B 154 -10.64 11.67 -17.35
C VAL B 154 -11.50 10.49 -16.89
N ILE B 155 -11.83 10.43 -15.62
CA ILE B 155 -12.69 9.34 -15.12
C ILE B 155 -14.10 9.97 -15.20
N GLY B 156 -14.92 9.49 -16.15
CA GLY B 156 -16.20 10.12 -16.41
C GLY B 156 -17.15 10.16 -15.23
N GLU B 157 -18.19 10.98 -15.30
CA GLU B 157 -19.10 11.17 -14.18
C GLU B 157 -19.73 9.82 -13.81
N GLY B 158 -19.84 9.52 -12.52
CA GLY B 158 -20.50 8.34 -11.96
C GLY B 158 -19.77 7.03 -12.21
N VAL B 159 -18.53 7.07 -12.72
CA VAL B 159 -17.79 5.83 -12.91
C VAL B 159 -17.43 5.24 -11.55
N ALA B 160 -17.55 3.92 -11.37
CA ALA B 160 -16.95 3.24 -10.25
C ALA B 160 -15.82 2.37 -10.85
N VAL B 161 -14.62 2.42 -10.26
CA VAL B 161 -13.68 1.36 -10.60
C VAL B 161 -13.48 0.45 -9.40
N GLY B 162 -13.39 -0.85 -9.64
CA GLY B 162 -13.29 -1.78 -8.53
C GLY B 162 -11.93 -1.78 -7.83
N ALA B 163 -11.85 -2.59 -6.76
CA ALA B 163 -10.60 -2.77 -6.03
C ALA B 163 -9.52 -3.32 -6.94
N MET B 164 -8.26 -2.96 -6.64
CA MET B 164 -7.16 -3.45 -7.48
C MET B 164 -7.29 -3.22 -8.98
N SER B 165 -7.73 -2.03 -9.40
CA SER B 165 -7.98 -1.66 -10.80
C SER B 165 -6.72 -0.94 -11.28
N MET B 166 -6.41 -1.06 -12.56
CA MET B 166 -5.45 -0.18 -13.19
C MET B 166 -6.06 0.58 -14.35
N VAL B 167 -6.02 1.91 -14.32
CA VAL B 167 -6.68 2.68 -15.36
C VAL B 167 -5.63 3.49 -16.11
N LYS B 168 -5.49 3.20 -17.39
CA LYS B 168 -4.49 3.90 -18.22
C LYS B 168 -5.17 4.83 -19.22
N GLU B 169 -6.48 4.68 -19.42
CA GLU B 169 -7.15 5.50 -20.44
CA GLU B 169 -7.23 5.38 -20.46
C GLU B 169 -8.44 6.06 -19.85
N SER B 170 -8.96 7.15 -20.42
CA SER B 170 -10.19 7.75 -19.90
C SER B 170 -11.32 6.72 -19.88
N LEU B 171 -12.25 6.93 -18.96
CA LEU B 171 -13.37 5.99 -18.77
C LEU B 171 -14.73 6.65 -18.97
N ASP B 172 -15.56 6.00 -19.78
CA ASP B 172 -16.88 6.56 -20.12
C ASP B 172 -17.81 6.62 -18.90
N ASP B 173 -18.58 7.69 -18.84
CA ASP B 173 -19.47 7.98 -17.71
C ASP B 173 -20.44 6.83 -17.36
N TRP B 174 -20.78 6.70 -16.07
CA TRP B 174 -21.88 5.84 -15.60
C TRP B 174 -21.67 4.36 -15.93
N TYR B 175 -20.41 3.89 -15.85
CA TYR B 175 -20.11 2.46 -15.90
C TYR B 175 -19.26 2.05 -14.71
N ILE B 176 -19.33 0.76 -14.43
CA ILE B 176 -18.45 0.10 -13.46
C ILE B 176 -17.39 -0.64 -14.26
N TYR B 177 -16.13 -0.42 -13.86
CA TYR B 177 -14.99 -1.09 -14.48
C TYR B 177 -14.15 -1.87 -13.48
N VAL B 178 -13.57 -3.01 -13.90
CA VAL B 178 -12.69 -3.77 -13.00
C VAL B 178 -11.48 -4.28 -13.76
N GLY B 179 -10.39 -4.54 -13.03
CA GLY B 179 -9.35 -5.35 -13.64
C GLY B 179 -8.07 -4.58 -13.93
N VAL B 180 -7.05 -5.31 -14.39
CA VAL B 180 -5.74 -4.75 -14.68
C VAL B 180 -5.36 -5.14 -16.09
N PRO B 181 -5.45 -4.20 -17.04
CA PRO B 181 -6.11 -2.90 -16.96
C PRO B 181 -7.63 -3.05 -16.97
N VAL B 182 -8.37 -1.98 -16.73
CA VAL B 182 -9.78 -2.21 -16.40
C VAL B 182 -10.51 -2.50 -17.71
N ARG B 183 -11.62 -3.21 -17.55
CA ARG B 183 -12.60 -3.35 -18.64
C ARG B 183 -13.98 -3.04 -18.06
N LYS B 184 -14.88 -2.67 -18.96
CA LYS B 184 -16.20 -2.16 -18.59
C LYS B 184 -17.03 -3.41 -18.28
N ILE B 185 -17.68 -3.47 -17.12
CA ILE B 185 -18.45 -4.68 -16.84
C ILE B 185 -19.96 -4.47 -16.74
N LYS B 186 -20.42 -3.32 -16.27
CA LYS B 186 -21.87 -3.10 -16.15
C LYS B 186 -22.11 -1.60 -15.97
N ALA B 187 -23.38 -1.19 -16.09
CA ALA B 187 -23.71 0.21 -15.86
C ALA B 187 -23.71 0.52 -14.36
N ARG B 188 -23.39 1.76 -14.04
CA ARG B 188 -23.55 2.34 -12.71
C ARG B 188 -24.92 3.01 -12.72
N LYS B 189 -25.69 2.80 -11.66
CA LYS B 189 -27.08 3.26 -11.61
C LYS B 189 -27.00 4.73 -11.26
N ARG B 190 -27.98 5.53 -11.69
CA ARG B 190 -27.98 6.96 -11.49
C ARG B 190 -28.73 7.51 -10.27
N LYS B 191 -29.31 6.64 -9.44
CA LYS B 191 -30.09 7.02 -8.29
C LYS B 191 -29.30 7.98 -7.40
N ILE B 192 -27.98 7.78 -7.34
CA ILE B 192 -27.11 8.64 -6.56
C ILE B 192 -27.32 10.10 -6.98
N VAL B 193 -27.66 10.40 -8.22
CA VAL B 193 -27.87 11.82 -8.55
C VAL B 193 -29.18 12.32 -7.88
N GLU B 194 -30.20 11.46 -7.80
CA GLU B 194 -31.38 11.87 -7.06
C GLU B 194 -31.04 12.07 -5.59
N LEU B 195 -30.28 11.14 -5.01
CA LEU B 195 -29.84 11.33 -3.63
C LEU B 195 -29.02 12.61 -3.40
N GLU B 196 -28.23 13.03 -4.38
CA GLU B 196 -27.38 14.20 -4.22
C GLU B 196 -28.33 15.39 -4.08
N ASN B 197 -29.31 15.47 -4.98
CA ASN B 197 -30.23 16.61 -5.02
C ASN B 197 -31.10 16.67 -3.76
N GLU B 198 -31.57 15.52 -3.30
CA GLU B 198 -32.25 15.43 -2.02
C GLU B 198 -31.42 15.93 -0.83
N PHE B 199 -30.22 15.37 -0.69
CA PHE B 199 -29.30 15.75 0.38
C PHE B 199 -29.01 17.25 0.38
N LEU B 200 -28.72 17.79 -0.79
CA LEU B 200 -28.42 19.22 -0.92
C LEU B 200 -29.64 20.11 -0.61
N LYS B 201 -30.84 19.58 -0.86
CA LYS B 201 -32.05 20.38 -0.77
C LYS B 201 -32.29 20.44 0.74
N SER B 202 -31.92 19.38 1.46
CA SER B 202 -32.26 19.31 2.87
C SER B 202 -31.28 20.18 3.67
N MET B 203 -30.21 20.62 3.03
CA MET B 203 -29.20 21.49 3.64
C MET B 203 -29.54 22.96 3.44
N ASN B 204 -30.52 23.24 2.58
CA ASN B 204 -30.91 24.57 2.14
C ASN B 204 -32.21 25.09 2.77
N SER B 205 -32.89 24.22 3.50
CA SER B 205 -34.25 24.49 3.95
C SER B 205 -34.50 23.70 5.24
N MET C 18 17.77 -1.36 15.31
CA MET C 18 16.70 -0.57 15.98
CA MET C 18 16.70 -0.55 15.97
C MET C 18 15.33 -1.25 15.88
N ASN C 19 14.32 -0.66 16.48
CA ASN C 19 12.92 -1.07 16.38
C ASN C 19 12.03 0.06 16.83
N SER C 20 10.75 -0.03 16.51
CA SER C 20 9.85 1.11 16.72
C SER C 20 8.81 0.87 17.81
N PHE C 21 8.92 -0.18 18.63
CA PHE C 21 7.77 -0.58 19.43
C PHE C 21 7.56 0.23 20.73
N TYR C 22 6.34 0.28 21.24
CA TYR C 22 6.11 0.83 22.58
C TYR C 22 6.81 -0.08 23.58
N SER C 23 7.22 0.46 24.74
CA SER C 23 7.52 -0.38 25.91
C SER C 23 6.20 -0.84 26.54
N GLN C 24 6.19 -1.95 27.29
CA GLN C 24 4.97 -2.38 27.98
C GLN C 24 4.43 -1.33 28.95
N GLU C 25 5.31 -0.43 29.36
CA GLU C 25 4.92 0.70 30.21
C GLU C 25 3.91 1.54 29.45
N GLU C 26 4.27 1.91 28.22
CA GLU C 26 3.42 2.78 27.41
C GLU C 26 2.20 2.03 26.89
N LEU C 27 2.35 0.74 26.65
CA LEU C 27 1.22 -0.08 26.18
C LEU C 27 0.05 0.11 27.13
N LYS C 28 0.33 0.01 28.43
CA LYS C 28 -0.67 0.27 29.45
C LYS C 28 -1.35 1.63 29.36
N LYS C 29 -0.68 2.65 28.85
CA LYS C 29 -1.29 3.98 28.73
C LYS C 29 -2.14 4.23 27.48
N ILE C 30 -2.23 3.23 26.60
CA ILE C 30 -3.12 3.30 25.46
C ILE C 30 -4.57 3.05 25.89
N GLY C 31 -4.81 2.08 26.77
CA GLY C 31 -6.21 1.81 27.16
C GLY C 31 -6.96 0.83 26.29
N PHE C 32 -6.28 -0.24 25.88
CA PHE C 32 -6.92 -1.33 25.15
C PHE C 32 -7.93 -2.01 26.06
N LEU C 33 -9.11 -2.34 25.56
CA LEU C 33 -9.97 -3.26 26.29
C LEU C 33 -9.14 -4.31 27.04
N SER C 34 -8.17 -4.93 26.37
CA SER C 34 -7.33 -5.96 26.96
C SER C 34 -6.03 -6.03 26.14
N VAL C 35 -4.89 -6.29 26.77
CA VAL C 35 -3.61 -6.42 26.07
C VAL C 35 -2.65 -7.38 26.78
N GLY C 36 -2.18 -8.43 26.12
CA GLY C 36 -1.42 -9.45 26.83
C GLY C 36 0.05 -9.12 27.04
N LYS C 37 0.84 -10.17 27.22
CA LYS C 37 2.29 -10.08 27.35
C LYS C 37 3.03 -10.37 26.04
N ASN C 38 4.21 -9.79 25.90
CA ASN C 38 5.05 -9.95 24.71
C ASN C 38 4.34 -9.40 23.49
N VAL C 39 3.77 -8.21 23.65
CA VAL C 39 3.04 -7.51 22.60
C VAL C 39 3.91 -6.37 22.10
N LEU C 40 4.21 -6.36 20.80
CA LEU C 40 5.12 -5.37 20.22
C LEU C 40 4.28 -4.57 19.23
N ILE C 41 3.95 -3.33 19.57
CA ILE C 41 3.16 -2.51 18.67
C ILE C 41 4.00 -1.33 18.25
N SER C 42 4.23 -1.17 16.95
CA SER C 42 4.87 0.04 16.46
C SER C 42 4.24 1.35 16.88
N LYS C 43 5.10 2.29 17.27
CA LYS C 43 4.78 3.69 17.51
C LYS C 43 4.35 4.38 16.24
N LYS C 44 4.67 3.79 15.09
CA LYS C 44 4.24 4.33 13.82
C LYS C 44 2.95 3.71 13.27
N ALA C 45 2.34 2.81 14.01
CA ALA C 45 0.99 2.31 13.73
C ALA C 45 -0.01 3.34 14.25
N SER C 46 -1.25 3.32 13.78
CA SER C 46 -2.30 4.22 14.30
C SER C 46 -3.32 3.33 14.98
N ILE C 47 -3.69 3.66 16.22
CA ILE C 47 -4.72 2.92 16.94
C ILE C 47 -5.87 3.86 17.31
N TYR C 48 -7.09 3.55 16.86
CA TYR C 48 -8.24 4.43 17.01
C TYR C 48 -9.26 3.59 17.78
N ASN C 49 -9.71 4.17 18.90
CA ASN C 49 -10.68 3.52 19.76
C ASN C 49 -10.16 2.25 20.44
N PRO C 50 -9.00 2.39 21.10
CA PRO C 50 -8.29 1.28 21.73
C PRO C 50 -9.19 0.63 22.77
N GLY C 51 -10.11 1.41 23.33
CA GLY C 51 -11.09 0.89 24.27
C GLY C 51 -11.90 -0.33 23.84
N VAL C 52 -12.02 -0.53 22.53
CA VAL C 52 -12.73 -1.68 21.97
C VAL C 52 -11.77 -2.66 21.27
N ILE C 53 -10.48 -2.44 21.45
CA ILE C 53 -9.48 -3.40 20.98
C ILE C 53 -8.91 -4.34 22.04
N SER C 54 -8.99 -5.65 21.81
CA SER C 54 -8.27 -6.55 22.69
C SER C 54 -7.22 -7.33 21.92
N ILE C 55 -6.07 -7.53 22.57
CA ILE C 55 -4.95 -8.25 21.97
C ILE C 55 -4.42 -9.28 22.96
N GLY C 56 -4.18 -10.51 22.52
CA GLY C 56 -3.67 -11.60 23.34
C GLY C 56 -2.18 -11.53 23.63
N ASN C 57 -1.54 -12.69 23.77
CA ASN C 57 -0.11 -12.68 23.99
C ASN C 57 0.67 -12.92 22.68
N ASN C 58 1.90 -12.39 22.64
CA ASN C 58 2.85 -12.75 21.59
C ASN C 58 2.31 -12.29 20.25
N VAL C 59 2.09 -10.98 20.18
CA VAL C 59 1.54 -10.28 19.03
C VAL C 59 2.50 -9.17 18.60
N ARG C 60 2.61 -9.00 17.29
CA ARG C 60 3.44 -7.94 16.75
C ARG C 60 2.66 -7.22 15.65
N ILE C 61 2.56 -5.90 15.78
CA ILE C 61 1.83 -5.08 14.83
C ILE C 61 2.87 -4.04 14.41
N ASP C 62 3.14 -3.97 13.11
CA ASP C 62 4.26 -3.20 12.57
C ASP C 62 3.99 -1.79 12.09
N ASP C 63 4.99 -1.08 11.57
CA ASP C 63 4.84 0.34 11.20
C ASP C 63 3.68 0.55 10.20
N PHE C 64 3.01 1.69 10.36
CA PHE C 64 2.02 2.17 9.41
C PHE C 64 0.80 1.27 9.32
N CYS C 65 0.66 0.32 10.24
CA CYS C 65 -0.65 -0.30 10.42
C CYS C 65 -1.73 0.66 10.91
N ILE C 66 -3.00 0.36 10.63
CA ILE C 66 -4.06 1.15 11.26
C ILE C 66 -4.98 0.10 11.87
N LEU C 67 -5.33 0.29 13.14
CA LEU C 67 -6.35 -0.51 13.78
C LEU C 67 -7.43 0.49 14.19
N SER C 68 -8.63 0.31 13.65
CA SER C 68 -9.72 1.25 13.87
C SER C 68 -10.95 0.48 14.32
N GLY C 69 -11.65 0.98 15.34
CA GLY C 69 -12.90 0.36 15.78
C GLY C 69 -12.67 -0.97 16.47
N LYS C 70 -13.65 -1.87 16.39
CA LYS C 70 -13.56 -3.10 17.18
C LYS C 70 -12.74 -4.23 16.54
N VAL C 71 -11.69 -4.66 17.25
CA VAL C 71 -10.70 -5.54 16.64
C VAL C 71 -10.29 -6.40 17.83
N THR C 72 -10.34 -7.71 17.64
CA THR C 72 -9.88 -8.65 18.65
C THR C 72 -8.87 -9.59 18.01
N ILE C 73 -7.67 -9.57 18.57
CA ILE C 73 -6.54 -10.38 18.10
C ILE C 73 -6.21 -11.38 19.20
N GLY C 74 -6.10 -12.65 18.87
CA GLY C 74 -5.61 -13.59 19.87
C GLY C 74 -4.12 -13.60 20.15
N SER C 75 -3.53 -14.79 20.13
CA SER C 75 -2.12 -14.98 20.49
C SER C 75 -1.33 -15.60 19.36
N TYR C 76 -0.05 -15.25 19.28
CA TYR C 76 0.87 -15.77 18.26
C TYR C 76 0.43 -15.28 16.88
N SER C 77 0.24 -13.97 16.79
CA SER C 77 -0.13 -13.29 15.56
C SER C 77 0.75 -12.10 15.20
N HIS C 78 1.05 -12.04 13.90
CA HIS C 78 1.78 -10.92 13.29
C HIS C 78 0.82 -10.17 12.33
N ILE C 79 0.71 -8.88 12.54
CA ILE C 79 -0.01 -7.98 11.63
C ILE C 79 1.12 -7.12 11.05
N ALA C 80 1.54 -7.48 9.85
CA ALA C 80 2.64 -6.86 9.14
C ALA C 80 2.41 -5.43 8.65
N ALA C 81 3.50 -4.75 8.28
CA ALA C 81 3.51 -3.31 8.02
C ALA C 81 2.45 -2.88 7.01
N TYR C 82 1.91 -1.66 7.14
CA TYR C 82 0.89 -1.10 6.26
C TYR C 82 -0.49 -1.73 6.35
N THR C 83 -0.69 -2.76 7.15
CA THR C 83 -1.99 -3.44 7.15
C THR C 83 -3.00 -2.56 7.90
N ALA C 84 -4.20 -2.44 7.36
CA ALA C 84 -5.28 -1.71 8.03
C ALA C 84 -6.42 -2.66 8.42
N LEU C 85 -6.89 -2.55 9.65
CA LEU C 85 -8.01 -3.37 10.11
C LEU C 85 -9.11 -2.42 10.57
N TYR C 86 -10.18 -2.30 9.77
CA TYR C 86 -11.20 -1.27 10.02
C TYR C 86 -12.37 -2.07 10.57
N GLY C 87 -12.46 -2.22 11.88
CA GLY C 87 -13.40 -3.12 12.54
C GLY C 87 -14.78 -2.50 12.73
N GLY C 88 -14.88 -1.17 12.63
CA GLY C 88 -16.19 -0.54 12.80
C GLY C 88 -16.83 -0.90 14.13
N GLU C 89 -18.14 -1.12 14.12
CA GLU C 89 -18.90 -1.58 15.28
C GLU C 89 -19.03 -3.10 15.35
N VAL C 90 -19.25 -3.75 14.21
CA VAL C 90 -19.49 -5.19 14.19
C VAL C 90 -18.20 -5.98 14.47
N GLY C 91 -17.04 -5.44 14.06
CA GLY C 91 -15.77 -6.04 14.47
C GLY C 91 -15.04 -6.99 13.52
N ILE C 92 -13.74 -7.09 13.74
CA ILE C 92 -12.89 -8.08 13.08
C ILE C 92 -12.35 -8.92 14.23
N GLU C 93 -12.36 -10.23 14.06
CA GLU C 93 -11.73 -11.12 15.04
C GLU C 93 -10.74 -12.05 14.39
N MET C 94 -9.58 -12.15 15.03
CA MET C 94 -8.56 -13.11 14.62
C MET C 94 -8.34 -14.10 15.75
N TYR C 95 -8.42 -15.39 15.43
CA TYR C 95 -8.08 -16.44 16.40
C TYR C 95 -6.58 -16.74 16.50
N ASP C 96 -6.19 -17.68 17.35
CA ASP C 96 -4.76 -17.83 17.63
C ASP C 96 -4.00 -18.36 16.42
N PHE C 97 -2.76 -17.92 16.23
CA PHE C 97 -1.93 -18.43 15.14
C PHE C 97 -2.36 -17.92 13.77
N ALA C 98 -3.31 -17.00 13.74
CA ALA C 98 -3.63 -16.28 12.51
C ALA C 98 -2.62 -15.16 12.25
N ASN C 99 -2.29 -14.88 10.98
CA ASN C 99 -1.32 -13.84 10.66
C ASN C 99 -1.75 -13.10 9.41
N ILE C 100 -1.41 -11.82 9.36
CA ILE C 100 -1.77 -11.04 8.18
C ILE C 100 -0.51 -10.42 7.60
N SER C 101 -0.22 -10.71 6.33
CA SER C 101 0.97 -10.11 5.71
C SER C 101 0.82 -8.64 5.29
N SER C 102 1.89 -8.00 4.83
CA SER C 102 1.92 -6.55 4.70
C SER C 102 0.89 -6.01 3.71
N ARG C 103 0.37 -4.85 4.06
CA ARG C 103 -0.37 -4.04 3.08
C ARG C 103 -1.71 -4.69 2.77
N THR C 104 -2.25 -5.38 3.76
CA THR C 104 -3.59 -5.97 3.65
C THR C 104 -4.66 -4.99 4.17
N ILE C 105 -5.89 -5.05 3.69
CA ILE C 105 -7.01 -4.28 4.29
C ILE C 105 -8.11 -5.27 4.62
N VAL C 106 -8.59 -5.22 5.87
CA VAL C 106 -9.78 -5.98 6.21
C VAL C 106 -10.86 -4.97 6.57
N TYR C 107 -12.00 -5.05 5.87
CA TYR C 107 -13.09 -4.12 6.11
C TYR C 107 -14.26 -4.84 6.79
N ALA C 108 -14.79 -4.27 7.88
CA ALA C 108 -16.02 -4.81 8.46
C ALA C 108 -17.23 -4.01 7.97
N ALA C 109 -16.96 -2.91 7.26
CA ALA C 109 -18.06 -2.13 6.70
C ALA C 109 -17.60 -1.52 5.36
N ILE C 110 -18.38 -1.65 4.29
CA ILE C 110 -18.07 -0.88 3.06
C ILE C 110 -19.32 -0.26 2.44
N ASP C 111 -19.11 0.76 1.63
CA ASP C 111 -20.21 1.44 0.94
C ASP C 111 -20.65 0.63 -0.28
N ASP C 112 -21.88 0.89 -0.72
CA ASP C 112 -22.47 0.29 -1.92
C ASP C 112 -21.92 1.05 -3.13
N PHE C 113 -21.24 0.32 -4.01
CA PHE C 113 -20.68 0.85 -5.24
C PHE C 113 -21.69 0.88 -6.39
N SER C 114 -22.91 0.34 -6.22
CA SER C 114 -23.76 0.11 -7.40
C SER C 114 -24.20 1.41 -8.10
N GLY C 115 -24.22 2.52 -7.38
CA GLY C 115 -24.89 3.73 -7.84
C GLY C 115 -26.23 3.95 -7.15
N ASN C 116 -26.67 3.00 -6.33
CA ASN C 116 -27.92 3.21 -5.57
C ASN C 116 -27.81 3.99 -4.27
N ALA C 117 -26.60 4.42 -3.92
CA ALA C 117 -26.39 5.12 -2.65
C ALA C 117 -25.21 6.08 -2.77
N LEU C 118 -25.30 7.17 -2.03
CA LEU C 118 -24.15 8.01 -1.75
C LEU C 118 -23.17 7.24 -0.84
N MET C 119 -21.99 7.79 -0.62
CA MET C 119 -20.89 6.99 -0.07
C MET C 119 -19.96 7.80 0.85
N GLY C 120 -19.47 7.16 1.90
CA GLY C 120 -18.29 7.51 2.67
C GLY C 120 -18.59 8.38 3.88
N PRO C 121 -17.52 8.82 4.55
CA PRO C 121 -17.76 9.49 5.83
C PRO C 121 -18.24 10.92 5.74
N THR C 122 -18.23 11.58 4.58
CA THR C 122 -18.70 12.95 4.48
C THR C 122 -20.21 13.08 4.27
N ILE C 123 -20.92 11.94 4.21
CA ILE C 123 -22.32 11.90 3.82
C ILE C 123 -23.14 11.28 4.96
N PRO C 124 -24.33 11.85 5.27
CA PRO C 124 -25.12 11.26 6.34
C PRO C 124 -25.56 9.83 6.04
N ASN C 125 -25.78 9.03 7.08
CA ASN C 125 -26.14 7.63 6.89
C ASN C 125 -27.42 7.37 6.10
N GLN C 126 -28.35 8.30 6.16
CA GLN C 126 -29.64 7.95 5.56
C GLN C 126 -29.50 7.85 4.04
N TYR C 127 -28.53 8.55 3.45
CA TYR C 127 -28.27 8.45 2.01
C TYR C 127 -27.35 7.33 1.51
N LYS C 128 -26.81 6.56 2.45
CA LYS C 128 -25.80 5.53 2.17
C LYS C 128 -26.47 4.17 2.23
N ASN C 129 -25.74 3.16 1.79
CA ASN C 129 -26.23 1.82 1.96
C ASN C 129 -25.03 0.96 2.31
N VAL C 130 -24.62 1.04 3.58
CA VAL C 130 -23.39 0.43 4.05
C VAL C 130 -23.61 -1.05 4.30
N LYS C 131 -22.76 -1.89 3.72
CA LYS C 131 -22.77 -3.32 4.01
C LYS C 131 -21.83 -3.58 5.18
N THR C 132 -22.40 -4.14 6.24
CA THR C 132 -21.59 -4.40 7.42
C THR C 132 -21.71 -5.83 7.93
N GLY C 133 -20.64 -6.38 8.46
CA GLY C 133 -20.75 -7.71 9.02
C GLY C 133 -19.39 -8.18 9.52
N LYS C 134 -19.39 -9.03 10.54
CA LYS C 134 -18.21 -9.26 11.36
C LYS C 134 -17.28 -10.02 10.42
N VAL C 135 -15.98 -9.77 10.47
CA VAL C 135 -15.04 -10.58 9.70
C VAL C 135 -14.31 -11.42 10.75
N ILE C 136 -14.17 -12.72 10.48
CA ILE C 136 -13.50 -13.65 11.38
C ILE C 136 -12.43 -14.44 10.62
N LEU C 137 -11.20 -14.43 11.12
CA LEU C 137 -10.14 -15.30 10.64
C LEU C 137 -9.88 -16.35 11.68
N LYS C 138 -10.13 -17.62 11.33
CA LYS C 138 -10.06 -18.67 12.34
C LYS C 138 -8.60 -19.05 12.58
N LYS C 139 -8.37 -20.12 13.35
CA LYS C 139 -6.99 -20.36 13.78
C LYS C 139 -6.17 -20.71 12.53
N HIS C 140 -4.88 -20.37 12.57
CA HIS C 140 -3.97 -20.75 11.48
C HIS C 140 -4.24 -20.11 10.11
N VAL C 141 -5.12 -19.10 10.05
CA VAL C 141 -5.37 -18.42 8.78
C VAL C 141 -4.13 -17.59 8.43
N ILE C 142 -3.66 -17.67 7.18
CA ILE C 142 -2.66 -16.69 6.79
C ILE C 142 -3.22 -15.92 5.62
N ILE C 143 -3.07 -14.60 5.65
CA ILE C 143 -3.48 -13.75 4.52
C ILE C 143 -2.21 -13.18 3.87
N GLY C 144 -2.06 -13.46 2.58
CA GLY C 144 -0.91 -12.98 1.80
C GLY C 144 -0.86 -11.47 1.66
N ALA C 145 0.28 -10.93 1.25
CA ALA C 145 0.44 -9.47 1.19
C ALA C 145 -0.43 -8.84 0.11
N HIS C 146 -0.83 -7.58 0.34
CA HIS C 146 -1.46 -6.76 -0.70
C HIS C 146 -2.84 -7.36 -0.98
N SER C 147 -3.47 -7.87 0.07
CA SER C 147 -4.79 -8.48 -0.03
C SER C 147 -5.93 -7.63 0.58
N ILE C 148 -7.17 -7.91 0.16
CA ILE C 148 -8.37 -7.24 0.64
C ILE C 148 -9.46 -8.24 1.03
N ILE C 149 -9.89 -8.14 2.28
CA ILE C 149 -11.01 -8.94 2.80
C ILE C 149 -12.18 -7.99 3.09
N PHE C 150 -13.34 -8.37 2.60
CA PHE C 150 -14.53 -7.52 2.70
C PHE C 150 -15.50 -8.04 3.78
N PRO C 151 -16.54 -7.26 4.09
CA PRO C 151 -17.36 -7.58 5.26
C PRO C 151 -18.06 -8.94 5.23
N ASN C 152 -18.38 -9.40 6.44
CA ASN C 152 -19.32 -10.51 6.66
C ASN C 152 -18.70 -11.80 6.13
N VAL C 153 -17.40 -11.97 6.34
CA VAL C 153 -16.65 -13.07 5.73
C VAL C 153 -16.11 -13.88 6.89
N VAL C 154 -16.28 -15.19 6.82
CA VAL C 154 -15.51 -16.08 7.70
C VAL C 154 -14.42 -16.79 6.91
N ILE C 155 -13.18 -16.53 7.30
CA ILE C 155 -12.06 -17.24 6.68
C ILE C 155 -11.81 -18.43 7.57
N GLY C 156 -12.14 -19.58 6.99
CA GLY C 156 -12.11 -20.86 7.72
C GLY C 156 -10.76 -21.26 8.30
N GLU C 157 -10.81 -22.13 9.31
CA GLU C 157 -9.58 -22.58 9.93
C GLU C 157 -8.56 -23.04 8.89
N GLY C 158 -7.31 -22.62 9.07
CA GLY C 158 -6.22 -23.12 8.23
C GLY C 158 -6.13 -22.62 6.80
N VAL C 159 -6.99 -21.68 6.42
CA VAL C 159 -7.05 -21.13 5.06
C VAL C 159 -5.81 -20.28 4.81
N ALA C 160 -5.22 -20.40 3.62
CA ALA C 160 -4.18 -19.45 3.16
C ALA C 160 -4.81 -18.68 2.01
N VAL C 161 -4.72 -17.36 2.06
CA VAL C 161 -5.05 -16.59 0.86
C VAL C 161 -3.76 -16.03 0.24
N GLY C 162 -3.58 -16.20 -1.06
CA GLY C 162 -2.37 -15.74 -1.75
C GLY C 162 -2.22 -14.23 -1.72
N ALA C 163 -1.03 -13.76 -2.12
CA ALA C 163 -0.82 -12.32 -2.26
C ALA C 163 -1.78 -11.78 -3.30
N MET C 164 -2.06 -10.49 -3.14
CA MET C 164 -2.79 -9.72 -4.16
C MET C 164 -4.13 -10.39 -4.46
N SER C 165 -4.79 -10.83 -3.40
CA SER C 165 -6.06 -11.52 -3.59
CA SER C 165 -6.06 -11.51 -3.59
C SER C 165 -7.21 -10.72 -2.97
N MET C 166 -8.44 -10.93 -3.44
CA MET C 166 -9.59 -10.19 -2.91
C MET C 166 -10.64 -11.22 -2.46
N VAL C 167 -11.14 -11.13 -1.23
CA VAL C 167 -12.06 -12.13 -0.67
C VAL C 167 -13.38 -11.40 -0.37
N LYS C 168 -14.49 -11.76 -1.03
CA LYS C 168 -15.77 -11.15 -0.72
C LYS C 168 -16.68 -12.20 -0.08
N GLU C 169 -16.32 -13.48 -0.03
CA GLU C 169 -17.22 -14.51 0.54
C GLU C 169 -16.43 -15.34 1.54
N SER C 170 -17.15 -15.96 2.46
CA SER C 170 -16.53 -16.94 3.33
C SER C 170 -15.74 -18.04 2.63
N LEU C 171 -14.64 -18.49 3.24
CA LEU C 171 -13.74 -19.48 2.63
C LEU C 171 -13.72 -20.79 3.41
N ASP C 172 -13.83 -21.91 2.72
CA ASP C 172 -13.76 -23.27 3.29
C ASP C 172 -12.44 -23.55 4.01
N ASP C 173 -12.54 -24.25 5.13
CA ASP C 173 -11.41 -24.54 6.00
C ASP C 173 -10.32 -25.27 5.24
N TRP C 174 -9.06 -25.00 5.58
CA TRP C 174 -7.92 -25.80 5.11
C TRP C 174 -7.71 -25.81 3.62
N TYR C 175 -8.09 -24.73 2.93
CA TYR C 175 -7.81 -24.65 1.49
C TYR C 175 -6.97 -23.40 1.22
N ILE C 176 -6.30 -23.42 0.07
CA ILE C 176 -5.52 -22.28 -0.40
C ILE C 176 -6.28 -21.60 -1.52
N TYR C 177 -6.42 -20.28 -1.42
CA TYR C 177 -7.24 -19.54 -2.40
C TYR C 177 -6.39 -18.40 -2.99
N VAL C 178 -6.58 -18.07 -4.27
CA VAL C 178 -5.81 -16.99 -4.92
C VAL C 178 -6.70 -16.24 -5.91
N GLY C 179 -6.31 -15.00 -6.21
CA GLY C 179 -6.96 -14.29 -7.29
C GLY C 179 -7.94 -13.23 -6.87
N VAL C 180 -8.51 -12.57 -7.88
CA VAL C 180 -9.33 -11.40 -7.59
C VAL C 180 -10.59 -11.56 -8.46
N PRO C 181 -11.69 -11.99 -7.85
CA PRO C 181 -11.83 -12.47 -6.48
C PRO C 181 -11.26 -13.88 -6.34
N VAL C 182 -11.10 -14.39 -5.12
CA VAL C 182 -10.38 -15.66 -4.95
C VAL C 182 -11.09 -16.89 -5.51
N ARG C 183 -10.30 -17.87 -5.96
CA ARG C 183 -10.72 -19.20 -6.31
C ARG C 183 -9.90 -20.20 -5.51
N LYS C 184 -10.51 -21.35 -5.23
CA LYS C 184 -9.79 -22.39 -4.52
C LYS C 184 -8.78 -23.04 -5.44
N ILE C 185 -7.53 -23.17 -5.03
CA ILE C 185 -6.58 -23.91 -5.86
C ILE C 185 -6.07 -25.27 -5.38
N LYS C 186 -5.90 -25.46 -4.08
CA LYS C 186 -5.40 -26.76 -3.59
C LYS C 186 -5.67 -26.77 -2.09
N ALA C 187 -5.64 -27.95 -1.49
CA ALA C 187 -5.77 -28.08 -0.03
C ALA C 187 -4.51 -27.54 0.63
N ARG C 188 -4.72 -26.93 1.80
CA ARG C 188 -3.66 -26.57 2.75
C ARG C 188 -3.23 -27.86 3.47
N LYS C 189 -1.92 -28.06 3.66
CA LYS C 189 -1.41 -29.23 4.41
C LYS C 189 -1.79 -29.00 5.87
N ARG C 190 -1.90 -30.03 6.70
CA ARG C 190 -2.32 -29.75 8.08
C ARG C 190 -1.26 -30.13 9.09
N LYS C 191 -0.05 -30.37 8.58
CA LYS C 191 1.11 -30.56 9.45
C LYS C 191 1.18 -29.48 10.52
N ILE C 192 0.73 -28.26 10.22
CA ILE C 192 0.75 -27.25 11.27
C ILE C 192 0.04 -27.57 12.57
N VAL C 193 -0.97 -28.43 12.52
CA VAL C 193 -1.80 -28.72 13.70
C VAL C 193 -0.87 -29.48 14.65
N GLU C 194 -0.15 -30.49 14.15
CA GLU C 194 0.93 -31.14 14.89
C GLU C 194 1.99 -30.21 15.43
N LEU C 195 2.44 -29.26 14.60
CA LEU C 195 3.48 -28.33 15.02
C LEU C 195 2.97 -27.50 16.18
N GLU C 196 1.72 -27.07 16.13
CA GLU C 196 1.19 -26.22 17.19
C GLU C 196 1.25 -27.00 18.51
N ASN C 197 0.72 -28.21 18.47
CA ASN C 197 0.75 -29.14 19.60
C ASN C 197 2.18 -29.35 20.10
N GLU C 198 3.09 -29.64 19.18
CA GLU C 198 4.49 -29.82 19.54
C GLU C 198 5.08 -28.57 20.22
N PHE C 199 4.75 -27.39 19.74
CA PHE C 199 5.29 -26.13 20.23
C PHE C 199 4.70 -25.72 21.57
N LEU C 200 3.44 -26.01 21.77
CA LEU C 200 2.83 -25.55 22.99
C LEU C 200 3.41 -26.33 24.17
N LYS C 201 3.50 -27.64 24.02
CA LYS C 201 4.22 -28.48 24.95
C LYS C 201 5.52 -27.87 25.40
N SER C 202 6.39 -27.69 24.43
CA SER C 202 7.68 -27.14 24.68
C SER C 202 7.55 -25.94 25.60
N MET C 203 6.35 -25.53 25.90
CA MET C 203 6.16 -24.54 26.92
C MET C 203 5.20 -25.01 27.99
#